data_7VOU
#
_entry.id   7VOU
#
_cell.length_a   47.987
_cell.length_b   47.987
_cell.length_c   164.414
_cell.angle_alpha   90.000
_cell.angle_beta   90.000
_cell.angle_gamma   90.000
#
_symmetry.space_group_name_H-M   'P 41 21 2'
#
loop_
_entity.id
_entity.type
_entity.pdbx_description
1 polymer "DNA (5'-D(*AP*CP*TP*TP*GP*TP*TP*TP*AP*CP*AP*TP*TP*TP*TP*G)-3')"
2 polymer "DNA (5'-D(*CP*AP*AP*AP*AP*TP*GP*TP*AP*AP*AP*CP*AP*AP*GP*T)-3')"
3 polymer 'Forkhead box protein L2'
#
loop_
_entity_poly.entity_id
_entity_poly.type
_entity_poly.pdbx_seq_one_letter_code
_entity_poly.pdbx_strand_id
1 'polydeoxyribonucleotide' (DA)(DC)(DT)(DT)(DG)(DT)(DT)(DT)(DA)(DC)(DA)(DT)(DT)(DT)(DT)(DG) A
2 'polydeoxyribonucleotide' (DC)(DA)(DA)(DA)(DA)(DT)(DG)(DT)(DA)(DA)(DA)(DC)(DA)(DA)(DG)(DT) B
3 'polypeptide(L)'
;GAMGSGIQPEKPDPAQKPPYSYVALIAMAIRESAEKRLTLSGIYQYIIAKFPFYEKNKKGWQNSIRHNLSLNECFIKVPR
EGGGERKGNYWTLDPACEDMFEKGNYRRRRR
;
C
#
# COMPACT_ATOMS: atom_id res chain seq x y z
N LYS C 17 12.37 -2.60 -14.70
CA LYS C 17 11.59 -1.89 -13.68
C LYS C 17 10.19 -1.71 -14.17
N PRO C 18 9.21 -2.06 -13.35
CA PRO C 18 7.82 -1.82 -13.75
C PRO C 18 7.55 -0.34 -13.92
N PRO C 19 6.62 0.02 -14.77
CA PRO C 19 6.33 1.43 -15.10
C PRO C 19 5.16 2.01 -14.28
N TYR C 20 5.22 1.85 -12.98
CA TYR C 20 4.16 2.33 -12.10
C TYR C 20 4.77 3.22 -11.03
N SER C 21 4.08 4.31 -10.72
CA SER C 21 4.50 5.15 -9.59
C SER C 21 4.22 4.44 -8.28
N TYR C 22 5.02 4.74 -7.24
CA TYR C 22 4.84 4.10 -5.95
C TYR C 22 3.42 4.28 -5.44
N VAL C 23 2.82 5.45 -5.72
CA VAL C 23 1.41 5.67 -5.33
C VAL C 23 0.51 4.72 -6.11
N ALA C 24 0.81 4.49 -7.38
CA ALA C 24 0.05 3.51 -8.15
C ALA C 24 0.24 2.09 -7.63
N LEU C 25 1.43 1.73 -7.14
CA LEU C 25 1.61 0.36 -6.65
C LEU C 25 0.87 0.13 -5.35
N ILE C 26 0.88 1.13 -4.49
CA ILE C 26 0.08 1.02 -3.27
C ILE C 26 -1.40 0.93 -3.60
N ALA C 27 -1.88 1.80 -4.49
CA ALA C 27 -3.28 1.76 -4.89
C ALA C 27 -3.64 0.41 -5.47
N MET C 28 -2.80 -0.07 -6.38
CA MET C 28 -3.08 -1.34 -7.02
C MET C 28 -3.08 -2.48 -5.99
N ALA C 29 -2.15 -2.45 -5.00
CA ALA C 29 -2.14 -3.48 -3.95
C ALA C 29 -3.42 -3.44 -3.10
N ILE C 30 -3.93 -2.24 -2.80
CA ILE C 30 -5.13 -2.10 -1.96
C ILE C 30 -6.40 -2.51 -2.71
N ARG C 31 -6.48 -2.28 -4.03
CA ARG C 31 -7.69 -2.63 -4.78
C ARG C 31 -7.82 -4.13 -5.01
N GLU C 32 -6.72 -4.79 -5.44
CA GLU C 32 -6.71 -6.25 -5.59
C GLU C 32 -6.90 -6.95 -4.25
N SER C 33 -6.69 -6.22 -3.15
CA SER C 33 -6.89 -6.81 -1.83
C SER C 33 -8.34 -7.24 -1.66
N ALA C 34 -8.53 -8.22 -0.80
CA ALA C 34 -9.88 -8.71 -0.56
C ALA C 34 -10.75 -7.60 0.02
N GLU C 35 -10.38 -7.10 1.23
CA GLU C 35 -11.18 -6.22 2.09
C GLU C 35 -11.14 -4.71 1.60
N LYS C 36 -10.54 -4.52 0.42
CA LYS C 36 -10.18 -3.20 -0.10
C LYS C 36 -9.32 -2.42 0.91
N ARG C 37 -8.55 -3.15 1.72
CA ARG C 37 -7.59 -2.61 2.67
C ARG C 37 -6.40 -3.56 2.77
N LEU C 38 -5.29 -3.04 3.30
CA LEU C 38 -4.09 -3.85 3.46
C LEU C 38 -3.20 -3.30 4.57
N THR C 39 -2.71 -4.22 5.39
CA THR C 39 -1.56 -3.95 6.23
C THR C 39 -0.37 -3.51 5.38
N LEU C 40 0.63 -2.92 6.04
CA LEU C 40 1.85 -2.56 5.31
C LEU C 40 2.46 -3.77 4.62
N SER C 41 2.71 -4.83 5.39
CA SER C 41 3.34 -6.01 4.80
C SER C 41 2.48 -6.62 3.70
N GLY C 42 1.18 -6.35 3.70
CA GLY C 42 0.35 -6.74 2.56
C GLY C 42 0.73 -6.01 1.29
N ILE C 43 0.91 -4.69 1.39
CA ILE C 43 1.37 -3.95 0.23
C ILE C 43 2.71 -4.49 -0.23
N TYR C 44 3.64 -4.70 0.72
CA TYR C 44 4.97 -5.16 0.35
C TYR C 44 4.88 -6.48 -0.41
N GLN C 45 4.16 -7.45 0.15
CA GLN C 45 4.09 -8.77 -0.47
C GLN C 45 3.47 -8.68 -1.85
N TYR C 46 2.40 -7.87 -2.00
CA TYR C 46 1.76 -7.76 -3.31
C TYR C 46 2.78 -7.26 -4.34
N ILE C 47 3.54 -6.23 -3.96
CA ILE C 47 4.51 -5.65 -4.87
C ILE C 47 5.63 -6.65 -5.17
N ILE C 48 6.07 -7.41 -4.16
CA ILE C 48 7.21 -8.31 -4.37
C ILE C 48 6.82 -9.54 -5.18
N ALA C 49 5.61 -10.07 -4.98
CA ALA C 49 5.11 -11.17 -5.80
C ALA C 49 4.86 -10.72 -7.25
N LYS C 50 4.03 -9.66 -7.43
CA LYS C 50 3.66 -9.18 -8.76
C LYS C 50 4.88 -8.78 -9.60
N PHE C 51 5.90 -8.16 -8.99
CA PHE C 51 7.08 -7.73 -9.72
C PHE C 51 8.34 -8.22 -9.03
N PRO C 52 9.02 -9.22 -9.60
CA PRO C 52 10.29 -9.65 -9.00
C PRO C 52 11.35 -8.59 -9.04
N PHE C 53 11.16 -7.54 -9.84
CA PHE C 53 12.07 -6.40 -9.81
C PHE C 53 12.24 -5.84 -8.40
N TYR C 54 11.15 -5.73 -7.64
CA TYR C 54 11.24 -5.20 -6.28
C TYR C 54 11.67 -6.25 -5.26
N GLU C 55 12.13 -7.43 -5.72
CA GLU C 55 12.76 -8.40 -4.84
C GLU C 55 14.14 -7.92 -4.36
N LYS C 56 14.83 -7.10 -5.16
CA LYS C 56 16.12 -6.55 -4.78
C LYS C 56 15.94 -5.15 -4.19
N ASN C 57 16.81 -4.86 -3.20
CA ASN C 57 16.93 -3.57 -2.50
C ASN C 57 15.61 -3.18 -1.82
N LYS C 58 15.12 -4.09 -0.97
CA LYS C 58 13.83 -3.88 -0.33
C LYS C 58 13.87 -2.65 0.59
N LYS C 59 15.01 -2.41 1.24
CA LYS C 59 15.08 -1.34 2.23
C LYS C 59 14.78 0.02 1.60
N GLY C 60 15.36 0.30 0.43
CA GLY C 60 15.15 1.60 -0.23
C GLY C 60 13.72 1.83 -0.71
N TRP C 61 13.16 0.87 -1.48
CA TRP C 61 11.86 1.18 -2.04
C TRP C 61 10.78 1.04 -0.99
N GLN C 62 11.00 0.23 0.06
CA GLN C 62 10.01 0.14 1.15
C GLN C 62 10.03 1.40 2.02
N ASN C 63 11.18 2.09 2.13
CA ASN C 63 11.16 3.46 2.65
C ASN C 63 10.31 4.36 1.74
N SER C 64 10.53 4.31 0.41
CA SER C 64 9.74 5.16 -0.48
C SER C 64 8.24 4.86 -0.33
N ILE C 65 7.91 3.60 -0.04
CA ILE C 65 6.52 3.20 0.12
C ILE C 65 5.95 3.79 1.42
N ARG C 66 6.71 3.75 2.52
CA ARG C 66 6.23 4.38 3.74
C ARG C 66 6.10 5.89 3.56
N HIS C 67 7.09 6.51 2.91
CA HIS C 67 7.03 7.93 2.64
C HIS C 67 5.76 8.28 1.83
N ASN C 68 5.49 7.52 0.77
CA ASN C 68 4.30 7.80 -0.02
C ASN C 68 3.03 7.55 0.76
N LEU C 69 3.02 6.51 1.58
CA LEU C 69 1.81 6.14 2.32
C LEU C 69 1.47 7.18 3.38
N SER C 70 2.48 7.66 4.09
CA SER C 70 2.27 8.71 5.07
C SER C 70 1.89 10.03 4.38
N LEU C 71 2.66 10.44 3.39
CA LEU C 71 2.59 11.79 2.85
C LEU C 71 1.38 12.02 1.94
N ASN C 72 0.87 10.99 1.27
CA ASN C 72 -0.20 11.18 0.29
C ASN C 72 -1.54 11.02 1.00
N GLU C 73 -2.36 12.08 0.97
CA GLU C 73 -3.62 12.06 1.68
C GLU C 73 -4.66 11.13 1.05
N CYS C 74 -4.45 10.71 -0.20
CA CYS C 74 -5.39 9.80 -0.84
C CYS C 74 -5.43 8.44 -0.15
N PHE C 75 -4.44 8.15 0.67
CA PHE C 75 -4.36 6.93 1.45
C PHE C 75 -4.81 7.25 2.86
N ILE C 76 -5.61 6.37 3.46
CA ILE C 76 -6.19 6.60 4.79
C ILE C 76 -5.83 5.41 5.67
N LYS C 77 -5.52 5.67 6.95
CA LYS C 77 -5.10 4.66 7.91
C LYS C 77 -6.28 4.13 8.72
N VAL C 78 -6.50 2.81 8.72
CA VAL C 78 -7.65 2.17 9.39
C VAL C 78 -7.20 1.23 10.50
N PRO C 79 -7.31 1.61 11.81
CA PRO C 79 -6.89 0.69 12.88
C PRO C 79 -7.69 -0.61 12.90
N ARG C 80 -7.40 -1.51 13.84
CA ARG C 80 -8.20 -2.72 14.02
C ARG C 80 -9.56 -2.35 14.61
N GLU C 81 -10.51 -3.30 14.60
CA GLU C 81 -11.83 -3.04 15.20
C GLU C 81 -11.69 -2.79 16.70
N GLY C 82 -12.30 -1.70 17.20
CA GLY C 82 -12.29 -1.46 18.63
C GLY C 82 -10.88 -1.34 19.20
N GLY C 83 -10.43 -2.41 19.86
CA GLY C 83 -9.07 -2.53 20.37
C GLY C 83 -8.19 -3.67 19.85
N GLY C 84 -8.13 -3.89 18.53
CA GLY C 84 -7.32 -4.98 18.00
C GLY C 84 -5.84 -4.87 18.35
N GLU C 85 -5.29 -3.65 18.32
CA GLU C 85 -3.94 -3.30 18.80
C GLU C 85 -2.84 -4.18 18.21
N ARG C 86 -2.75 -4.19 16.88
CA ARG C 86 -1.74 -4.98 16.20
C ARG C 86 -0.54 -4.08 15.81
N LYS C 87 0.47 -4.67 15.14
CA LYS C 87 1.76 -4.00 14.90
C LYS C 87 1.59 -2.72 14.09
N GLY C 88 0.75 -2.76 13.04
CA GLY C 88 0.33 -1.57 12.33
C GLY C 88 -1.18 -1.50 12.23
N ASN C 89 -1.65 -0.52 11.47
CA ASN C 89 -3.06 -0.44 11.11
C ASN C 89 -3.22 -0.98 9.70
N TYR C 90 -4.45 -1.00 9.24
CA TYR C 90 -4.70 -1.27 7.84
C TYR C 90 -4.48 0.02 7.06
N TRP C 91 -4.43 -0.09 5.73
CA TRP C 91 -4.40 1.07 4.83
C TRP C 91 -5.51 0.91 3.80
N THR C 92 -6.22 1.99 3.49
CA THR C 92 -7.29 1.95 2.49
C THR C 92 -7.18 3.15 1.57
N LEU C 93 -8.02 3.13 0.54
CA LEU C 93 -8.16 4.25 -0.37
C LEU C 93 -9.23 5.22 0.10
N ASP C 94 -9.09 6.47 -0.34
CA ASP C 94 -10.07 7.51 -0.11
C ASP C 94 -11.18 7.37 -1.15
N PRO C 95 -12.44 7.52 -0.75
CA PRO C 95 -13.55 7.36 -1.71
C PRO C 95 -13.66 8.47 -2.75
N ALA C 96 -12.70 9.40 -2.78
CA ALA C 96 -12.62 10.44 -3.80
C ALA C 96 -11.45 10.27 -4.73
N CYS C 97 -10.32 9.80 -4.22
CA CYS C 97 -9.16 9.52 -5.06
C CYS C 97 -9.26 8.20 -5.82
N GLU C 98 -10.14 7.26 -5.39
CA GLU C 98 -10.21 5.97 -6.06
C GLU C 98 -10.81 6.09 -7.46
N ASP C 99 -11.39 7.25 -7.80
CA ASP C 99 -11.78 7.52 -9.18
C ASP C 99 -10.56 7.57 -10.08
N MET C 100 -9.47 8.16 -9.59
CA MET C 100 -8.20 8.13 -10.32
C MET C 100 -7.74 6.68 -10.48
N PHE C 101 -7.44 6.29 -11.72
CA PHE C 101 -6.97 4.94 -12.00
C PHE C 101 -5.43 4.93 -11.98
N GLU C 102 -4.88 3.73 -12.14
CA GLU C 102 -3.44 3.53 -12.31
C GLU C 102 -3.05 3.12 -13.73
#